data_3GA7
#
_entry.id   3GA7
#
_cell.length_a   82.747
_cell.length_b   133.207
_cell.length_c   64.139
_cell.angle_alpha   90.00
_cell.angle_beta   90.00
_cell.angle_gamma   90.00
#
_symmetry.space_group_name_H-M   'C 2 2 21'
#
loop_
_entity.id
_entity.type
_entity.pdbx_description
1 polymer 'Acetyl esterase'
2 non-polymer 'CHLORIDE ION'
3 water water
#
_entity_poly.entity_id   1
_entity_poly.type   'polypeptide(L)'
_entity_poly.pdbx_seq_one_letter_code
;SNA(MSE)KPENKIPVLTRLSDE(MSE)TAVVNFQQPGLPPWPADGDIETQRQYYLLERRFWNADAPS(MSE)TTRTCAV
PTPYGDVTTRLYSPQPTSQATLYYLHGGGFILGNLDTHDRI(MSE)RLLARYTGCTVIGIDYSLSPQARYPQAIEETVAV
CSYFSQHADEYSLNVEKIGFAGD(SEP)AGA(MSE)LALASALWLRDKHIRCGNVIAILLWYGLYGLQDSVSRRLFGGAW
DGLTREDLD(MSE)YEKAYLRNDEDRESPWYCLFNNDLTRDVPPCFIASAEFDPLIDDSRLLHQTLQAHQQPCEYK
(MSE)YPGTLHAFLHYSR(MSE)(MSE)TIADDALQDGARFF(MSE)AR(MSE)KTPR
;
_entity_poly.pdbx_strand_id   A
#
loop_
_chem_comp.id
_chem_comp.type
_chem_comp.name
_chem_comp.formula
CL non-polymer 'CHLORIDE ION' 'Cl -1'
#
# COMPACT_ATOMS: atom_id res chain seq x y z
N GLU A 7 28.20 -15.32 -4.30
CA GLU A 7 27.13 -14.41 -3.77
C GLU A 7 27.10 -14.41 -2.24
N ASN A 8 27.11 -13.20 -1.66
CA ASN A 8 27.13 -13.03 -0.21
C ASN A 8 25.77 -13.28 0.45
N LYS A 9 24.68 -13.05 -0.29
CA LYS A 9 23.36 -13.30 0.28
C LYS A 9 23.10 -14.79 0.40
N ILE A 10 22.48 -15.22 1.50
CA ILE A 10 22.12 -16.63 1.67
C ILE A 10 20.60 -16.76 1.65
N PRO A 11 20.11 -17.96 1.30
CA PRO A 11 18.67 -18.18 1.25
C PRO A 11 18.00 -17.98 2.60
N VAL A 12 16.75 -17.52 2.57
CA VAL A 12 16.01 -17.32 3.80
C VAL A 12 14.99 -18.45 4.02
N LEU A 13 14.90 -19.40 3.08
CA LEU A 13 13.93 -20.50 3.15
C LEU A 13 13.81 -21.20 4.51
N THR A 14 14.92 -21.69 5.05
CA THR A 14 14.87 -22.41 6.33
C THR A 14 14.39 -21.55 7.53
N ARG A 15 14.43 -20.24 7.38
N ARG A 15 14.41 -20.24 7.37
CA ARG A 15 13.99 -19.31 8.42
CA ARG A 15 13.99 -19.35 8.44
C ARG A 15 12.55 -18.85 8.27
C ARG A 15 12.55 -18.83 8.25
N LEU A 16 11.93 -19.22 7.16
CA LEU A 16 10.53 -18.85 6.91
C LEU A 16 9.60 -19.71 7.75
N SER A 17 8.42 -19.17 8.06
CA SER A 17 7.44 -19.90 8.85
C SER A 17 6.90 -21.03 7.99
N ASP A 18 6.24 -21.99 8.64
CA ASP A 18 5.65 -23.11 7.93
C ASP A 18 4.64 -22.63 6.88
N GLU A 19 3.81 -21.67 7.26
N GLU A 19 3.79 -21.68 7.21
CA GLU A 19 2.81 -21.09 6.35
CA GLU A 19 2.80 -21.23 6.22
C GLU A 19 3.48 -20.44 5.15
C GLU A 19 3.42 -20.37 5.12
N MSE A 20 4.51 -19.65 5.41
CA MSE A 20 5.23 -18.95 4.35
C MSE A 20 5.87 -19.92 3.38
O MSE A 20 5.85 -19.72 2.17
CB MSE A 20 6.30 -18.02 4.94
CG MSE A 20 6.92 -17.02 3.94
SE MSE A 20 5.67 -15.65 3.36
CE MSE A 20 5.34 -16.28 1.53
N THR A 21 6.42 -20.99 3.93
CA THR A 21 7.07 -22.03 3.15
C THR A 21 6.06 -22.71 2.24
N ALA A 22 4.85 -22.92 2.76
CA ALA A 22 3.78 -23.53 1.96
C ALA A 22 3.44 -22.66 0.76
N VAL A 23 3.43 -21.34 0.94
CA VAL A 23 3.13 -20.43 -0.16
C VAL A 23 4.27 -20.49 -1.17
N VAL A 24 5.51 -20.49 -0.69
CA VAL A 24 6.67 -20.56 -1.59
C VAL A 24 6.60 -21.84 -2.44
N ASN A 25 6.16 -22.93 -1.82
CA ASN A 25 6.04 -24.20 -2.53
C ASN A 25 4.93 -24.19 -3.58
N PHE A 26 3.87 -23.46 -3.29
CA PHE A 26 2.76 -23.31 -4.24
C PHE A 26 3.24 -22.60 -5.50
N GLN A 27 4.01 -21.54 -5.31
N GLN A 27 3.99 -21.52 -5.33
CA GLN A 27 4.51 -20.79 -6.44
CA GLN A 27 4.51 -20.79 -6.48
C GLN A 27 5.65 -19.90 -5.96
C GLN A 27 5.64 -19.91 -5.98
N GLN A 28 6.82 -20.03 -6.58
CA GLN A 28 7.04 -20.98 -7.68
C GLN A 28 8.33 -21.78 -7.50
N ASP A 39 7.38 -7.97 -22.90
CA ASP A 39 6.96 -6.58 -22.80
C ASP A 39 6.18 -6.37 -21.51
N ILE A 40 5.91 -5.11 -21.19
CA ILE A 40 5.23 -4.74 -19.95
C ILE A 40 3.80 -5.23 -19.88
N GLU A 41 3.05 -5.15 -20.97
N GLU A 41 3.09 -5.15 -20.99
CA GLU A 41 1.67 -5.63 -20.95
CA GLU A 41 1.71 -5.60 -21.04
C GLU A 41 1.62 -7.13 -20.66
C GLU A 41 1.62 -7.10 -20.70
N THR A 42 2.62 -7.87 -21.16
CA THR A 42 2.66 -9.30 -20.91
C THR A 42 2.97 -9.57 -19.43
N GLN A 43 3.94 -8.85 -18.88
CA GLN A 43 4.29 -8.98 -17.46
C GLN A 43 3.07 -8.66 -16.60
N ARG A 44 2.32 -7.63 -17.01
CA ARG A 44 1.11 -7.27 -16.30
C ARG A 44 0.08 -8.39 -16.33
N GLN A 45 -0.07 -9.06 -17.46
N GLN A 45 -0.03 -9.04 -17.48
CA GLN A 45 -1.03 -10.15 -17.58
CA GLN A 45 -0.95 -10.17 -17.68
C GLN A 45 -0.59 -11.36 -16.75
C GLN A 45 -0.58 -11.34 -16.78
N TYR A 46 0.71 -11.63 -16.68
CA TYR A 46 1.20 -12.70 -15.79
C TYR A 46 0.96 -12.36 -14.30
N TYR A 47 1.10 -11.08 -13.95
CA TYR A 47 0.84 -10.69 -12.57
C TYR A 47 -0.64 -10.90 -12.29
N LEU A 48 -1.52 -10.54 -13.20
CA LEU A 48 -2.95 -10.77 -13.00
C LEU A 48 -3.19 -12.28 -12.76
N LEU A 49 -2.56 -13.12 -13.59
N LEU A 49 -2.47 -13.13 -13.49
CA LEU A 49 -2.68 -14.58 -13.49
CA LEU A 49 -2.58 -14.60 -13.29
C LEU A 49 -2.32 -15.09 -12.10
C LEU A 49 -2.04 -15.05 -11.93
N GLU A 50 -1.14 -14.70 -11.63
N GLU A 50 -0.86 -14.61 -11.53
CA GLU A 50 -0.68 -15.12 -10.32
CA GLU A 50 -0.31 -15.04 -10.26
C GLU A 50 -1.67 -14.71 -9.22
C GLU A 50 -1.23 -14.58 -9.11
N ARG A 51 -1.99 -13.42 -9.15
N ARG A 51 -1.86 -13.42 -9.27
CA ARG A 51 -2.86 -12.92 -8.10
CA ARG A 51 -2.71 -12.85 -8.22
C ARG A 51 -4.32 -13.44 -8.15
C ARG A 51 -4.13 -13.41 -8.10
N ARG A 52 -4.76 -14.00 -9.27
N ARG A 52 -4.71 -13.85 -9.21
CA ARG A 52 -6.14 -14.41 -9.38
CA ARG A 52 -6.10 -14.27 -9.21
C ARG A 52 -6.50 -15.45 -8.29
C ARG A 52 -6.47 -15.41 -8.21
N PHE A 53 -5.63 -16.42 -8.09
CA PHE A 53 -5.89 -17.48 -7.11
C PHE A 53 -6.03 -16.89 -5.70
N TRP A 54 -5.15 -15.96 -5.37
CA TRP A 54 -5.10 -15.39 -4.03
C TRP A 54 -6.28 -14.49 -3.72
N ASN A 55 -6.96 -14.00 -4.73
CA ASN A 55 -8.10 -13.12 -4.52
C ASN A 55 -9.45 -13.80 -4.50
N ALA A 56 -9.46 -15.12 -4.68
CA ALA A 56 -10.70 -15.90 -4.65
C ALA A 56 -11.31 -15.93 -3.23
N ASP A 57 -12.60 -16.23 -3.16
N ASP A 57 -12.61 -16.22 -3.18
CA ASP A 57 -13.31 -16.40 -1.88
CA ASP A 57 -13.34 -16.37 -1.93
C ASP A 57 -13.25 -15.17 -0.95
C ASP A 57 -13.25 -15.17 -0.98
N ALA A 58 -13.25 -13.97 -1.55
CA ALA A 58 -13.16 -12.74 -0.76
C ALA A 58 -14.53 -12.38 -0.18
N PRO A 59 -14.55 -11.63 0.94
CA PRO A 59 -15.79 -11.23 1.57
C PRO A 59 -16.77 -10.61 0.57
N SER A 60 -18.00 -11.09 0.56
N SER A 60 -18.00 -11.09 0.54
CA SER A 60 -19.02 -10.55 -0.32
CA SER A 60 -18.97 -10.53 -0.38
C SER A 60 -19.50 -9.20 0.21
C SER A 60 -19.50 -9.22 0.19
N MSE A 61 -19.67 -8.23 -0.69
CA MSE A 61 -20.18 -6.92 -0.29
C MSE A 61 -20.44 -6.04 -1.49
O MSE A 61 -19.93 -6.28 -2.59
CB MSE A 61 -19.26 -6.17 0.68
CG MSE A 61 -17.97 -5.73 0.09
SE MSE A 61 -16.73 -4.91 1.38
CE MSE A 61 -16.59 -6.42 2.62
N THR A 62 -21.24 -5.02 -1.21
N THR A 62 -21.27 -5.03 -1.32
CA THR A 62 -21.61 -4.00 -2.16
CA THR A 62 -21.59 -4.19 -2.47
C THR A 62 -20.36 -3.28 -2.65
C THR A 62 -20.41 -3.33 -2.88
N THR A 63 -20.34 -3.01 -3.95
N THR A 63 -20.05 -3.44 -4.16
CA THR A 63 -19.23 -2.34 -4.59
CA THR A 63 -19.02 -2.62 -4.72
C THR A 63 -19.66 -1.47 -5.79
C THR A 63 -19.66 -1.70 -5.73
N ARG A 64 -19.12 -0.26 -5.87
N ARG A 64 -18.89 -0.68 -6.08
CA ARG A 64 -19.40 0.63 -6.99
CA ARG A 64 -19.30 0.30 -7.07
C ARG A 64 -18.10 1.04 -7.67
C ARG A 64 -18.01 0.73 -7.72
N THR A 65 -18.09 1.02 -9.01
CA THR A 65 -16.91 1.41 -9.78
C THR A 65 -17.20 2.75 -10.46
N CYS A 66 -16.38 3.73 -10.10
N CYS A 66 -16.41 3.76 -10.07
CA CYS A 66 -16.57 5.12 -10.45
CA CYS A 66 -16.64 5.17 -10.38
C CYS A 66 -15.35 5.73 -11.15
C CYS A 66 -15.42 5.88 -11.01
N ALA A 67 -15.59 6.53 -12.17
CA ALA A 67 -14.52 7.27 -12.83
C ALA A 67 -14.46 8.61 -12.09
N VAL A 68 -13.26 9.07 -11.76
CA VAL A 68 -13.08 10.34 -11.07
C VAL A 68 -12.14 11.25 -11.89
N PRO A 69 -12.52 12.51 -12.11
CA PRO A 69 -11.65 13.38 -12.90
C PRO A 69 -10.38 13.75 -12.13
N THR A 70 -9.27 13.88 -12.87
CA THR A 70 -7.99 14.32 -12.31
C THR A 70 -7.33 15.25 -13.36
N PRO A 71 -6.23 15.92 -12.97
CA PRO A 71 -5.55 16.78 -13.95
C PRO A 71 -4.97 16.02 -15.13
N TYR A 72 -4.87 14.71 -15.03
N TYR A 72 -4.88 14.71 -15.02
CA TYR A 72 -4.31 13.89 -16.11
CA TYR A 72 -4.30 13.87 -16.07
C TYR A 72 -5.36 13.18 -16.96
C TYR A 72 -5.33 12.97 -16.75
N GLY A 73 -6.61 13.23 -16.52
CA GLY A 73 -7.68 12.42 -17.11
C GLY A 73 -8.30 11.55 -16.03
N ASP A 74 -9.39 10.88 -16.38
CA ASP A 74 -10.12 10.13 -15.37
C ASP A 74 -9.33 8.98 -14.80
N VAL A 75 -9.54 8.71 -13.51
N VAL A 75 -9.58 8.73 -13.51
CA VAL A 75 -8.93 7.54 -12.86
CA VAL A 75 -8.99 7.60 -12.80
C VAL A 75 -10.06 6.73 -12.24
C VAL A 75 -10.15 6.73 -12.34
N THR A 76 -10.02 5.42 -12.46
CA THR A 76 -11.05 4.50 -11.99
C THR A 76 -10.86 4.27 -10.50
N THR A 77 -11.97 4.27 -9.78
CA THR A 77 -11.99 3.96 -8.35
C THR A 77 -13.02 2.90 -8.08
N ARG A 78 -12.85 2.18 -7.00
CA ARG A 78 -13.84 1.19 -6.60
C ARG A 78 -14.14 1.40 -5.14
N LEU A 79 -15.42 1.56 -4.82
CA LEU A 79 -15.88 1.80 -3.47
C LEU A 79 -16.50 0.52 -2.89
N TYR A 80 -15.92 0.04 -1.80
CA TYR A 80 -16.35 -1.14 -1.11
C TYR A 80 -17.14 -0.74 0.13
N SER A 81 -18.41 -1.15 0.22
CA SER A 81 -19.26 -0.78 1.38
C SER A 81 -19.59 -2.00 2.21
N PRO A 82 -18.90 -2.16 3.35
CA PRO A 82 -19.09 -3.33 4.18
C PRO A 82 -20.34 -3.27 5.06
N GLN A 83 -20.88 -2.07 5.22
CA GLN A 83 -22.13 -1.82 5.97
C GLN A 83 -22.84 -0.72 5.22
N PRO A 84 -24.15 -0.50 5.48
CA PRO A 84 -24.79 0.54 4.69
C PRO A 84 -24.26 1.94 4.96
N THR A 85 -23.88 2.23 6.21
CA THR A 85 -23.34 3.53 6.57
C THR A 85 -21.89 3.35 7.00
N SER A 86 -21.16 4.45 7.03
CA SER A 86 -19.74 4.42 7.32
C SER A 86 -19.33 5.59 8.21
N GLN A 87 -18.37 5.41 9.09
N GLN A 87 -18.36 5.33 9.10
CA GLN A 87 -17.96 6.54 9.93
CA GLN A 87 -17.82 6.32 10.05
C GLN A 87 -16.57 7.07 9.55
C GLN A 87 -16.63 7.09 9.49
N ALA A 88 -15.97 6.53 8.49
CA ALA A 88 -14.73 7.06 7.94
C ALA A 88 -14.49 6.45 6.56
N THR A 89 -13.54 6.98 5.81
CA THR A 89 -13.23 6.49 4.45
C THR A 89 -11.75 6.19 4.37
N LEU A 90 -11.43 4.98 3.94
CA LEU A 90 -10.05 4.52 3.83
C LEU A 90 -9.70 4.34 2.36
N TYR A 91 -8.72 5.10 1.92
CA TYR A 91 -8.25 5.06 0.54
C TYR A 91 -7.13 4.03 0.47
N TYR A 92 -7.20 3.13 -0.51
CA TYR A 92 -6.23 2.05 -0.64
C TYR A 92 -5.45 2.17 -1.94
N LEU A 93 -4.13 2.14 -1.79
CA LEU A 93 -3.18 2.22 -2.92
C LEU A 93 -2.45 0.88 -3.04
N HIS A 94 -2.67 0.19 -4.16
CA HIS A 94 -2.07 -1.12 -4.35
C HIS A 94 -0.58 -1.07 -4.69
N GLY A 95 0.12 -2.15 -4.33
CA GLY A 95 1.50 -2.38 -4.72
C GLY A 95 1.62 -2.99 -6.10
N GLY A 96 2.86 -3.34 -6.45
CA GLY A 96 3.19 -3.80 -7.80
C GLY A 96 4.36 -3.06 -8.40
N GLY A 97 5.21 -2.44 -7.56
CA GLY A 97 6.43 -1.78 -8.05
C GLY A 97 6.20 -0.57 -8.94
N PHE A 98 5.00 -0.02 -8.88
N PHE A 98 5.00 0.01 -8.82
CA PHE A 98 4.61 1.15 -9.67
CA PHE A 98 4.44 1.12 -9.66
C PHE A 98 4.23 0.76 -11.10
C PHE A 98 4.28 0.77 -11.12
N ILE A 99 4.53 -0.48 -11.49
CA ILE A 99 4.40 -0.92 -12.87
C ILE A 99 3.37 -2.00 -13.12
N LEU A 100 2.96 -2.69 -12.07
CA LEU A 100 1.97 -3.77 -12.18
C LEU A 100 0.80 -3.56 -11.23
N GLY A 101 -0.22 -4.37 -11.43
CA GLY A 101 -1.35 -4.39 -10.50
C GLY A 101 -2.52 -3.54 -10.91
N ASN A 102 -3.64 -3.75 -10.25
CA ASN A 102 -4.86 -3.02 -10.51
C ASN A 102 -5.81 -3.27 -9.34
N LEU A 103 -7.08 -2.94 -9.49
CA LEU A 103 -8.00 -3.11 -8.36
C LEU A 103 -8.38 -4.57 -8.15
N ASP A 104 -8.27 -5.39 -9.18
CA ASP A 104 -8.56 -6.80 -9.01
C ASP A 104 -7.43 -7.58 -8.32
N THR A 105 -6.17 -7.17 -8.50
CA THR A 105 -5.07 -7.89 -7.88
C THR A 105 -5.05 -7.74 -6.37
N HIS A 106 -5.72 -6.72 -5.85
CA HIS A 106 -5.78 -6.43 -4.41
C HIS A 106 -7.21 -6.41 -3.89
N ASP A 107 -8.13 -7.01 -4.65
CA ASP A 107 -9.53 -7.02 -4.29
C ASP A 107 -9.77 -7.66 -2.92
N ARG A 108 -9.14 -8.78 -2.65
CA ARG A 108 -9.40 -9.47 -1.37
C ARG A 108 -8.88 -8.64 -0.21
N ILE A 109 -7.69 -8.09 -0.35
CA ILE A 109 -7.10 -7.22 0.66
C ILE A 109 -8.07 -6.06 0.99
N MSE A 110 -8.60 -5.42 -0.03
CA MSE A 110 -9.50 -4.29 0.17
C MSE A 110 -10.82 -4.70 0.81
O MSE A 110 -11.33 -4.03 1.71
CB MSE A 110 -9.71 -3.53 -1.12
CG MSE A 110 -8.49 -2.77 -1.52
SE MSE A 110 -8.61 -1.67 -3.09
CE MSE A 110 -8.69 -3.04 -4.43
N ARG A 111 -11.40 -5.82 0.35
CA ARG A 111 -12.64 -6.33 0.94
C ARG A 111 -12.44 -6.70 2.40
N LEU A 112 -11.31 -7.32 2.72
CA LEU A 112 -11.04 -7.70 4.10
C LEU A 112 -10.83 -6.44 4.97
N LEU A 113 -10.10 -5.45 4.46
CA LEU A 113 -9.91 -4.21 5.24
C LEU A 113 -11.27 -3.53 5.47
N ALA A 114 -12.14 -3.55 4.46
CA ALA A 114 -13.48 -2.99 4.62
C ALA A 114 -14.25 -3.77 5.69
N ARG A 115 -14.24 -5.09 5.60
CA ARG A 115 -14.93 -5.92 6.60
C ARG A 115 -14.44 -5.65 8.00
N TYR A 116 -13.12 -5.58 8.16
CA TYR A 116 -12.52 -5.42 9.47
C TYR A 116 -12.64 -4.03 10.07
N THR A 117 -12.60 -2.99 9.25
CA THR A 117 -12.78 -1.63 9.79
C THR A 117 -14.24 -1.21 9.89
N GLY A 118 -15.10 -1.87 9.14
CA GLY A 118 -16.50 -1.49 9.03
C GLY A 118 -16.73 -0.20 8.24
N CYS A 119 -15.68 0.26 7.54
CA CYS A 119 -15.71 1.52 6.80
C CYS A 119 -15.56 1.34 5.31
N THR A 120 -16.03 2.34 4.57
CA THR A 120 -15.85 2.34 3.12
C THR A 120 -14.36 2.31 2.79
N VAL A 121 -13.97 1.42 1.89
CA VAL A 121 -12.62 1.39 1.35
C VAL A 121 -12.74 1.84 -0.10
N ILE A 122 -11.92 2.78 -0.51
CA ILE A 122 -11.91 3.27 -1.88
C ILE A 122 -10.56 2.95 -2.51
N GLY A 123 -10.58 1.99 -3.41
CA GLY A 123 -9.37 1.65 -4.14
C GLY A 123 -9.18 2.59 -5.32
N ILE A 124 -7.95 3.03 -5.52
CA ILE A 124 -7.61 3.97 -6.60
C ILE A 124 -6.77 3.27 -7.65
N ASP A 125 -7.27 3.18 -8.87
CA ASP A 125 -6.56 2.53 -9.99
C ASP A 125 -5.65 3.58 -10.63
N TYR A 126 -4.61 3.96 -9.89
CA TYR A 126 -3.68 5.00 -10.32
C TYR A 126 -2.94 4.58 -11.57
N SER A 127 -2.50 5.57 -12.34
CA SER A 127 -1.81 5.33 -13.57
C SER A 127 -0.45 4.73 -13.34
N LEU A 128 -0.20 3.63 -14.04
CA LEU A 128 1.04 2.88 -13.87
C LEU A 128 2.21 3.44 -14.67
N SER A 129 3.40 3.15 -14.17
CA SER A 129 4.67 3.47 -14.83
C SER A 129 5.05 2.31 -15.75
N PRO A 130 5.88 2.56 -16.78
CA PRO A 130 6.58 3.81 -17.08
C PRO A 130 5.84 4.84 -17.93
N GLN A 131 4.58 4.59 -18.31
CA GLN A 131 3.84 5.56 -19.09
C GLN A 131 3.60 6.80 -18.24
N ALA A 132 3.16 6.58 -17.00
CA ALA A 132 3.08 7.66 -16.01
C ALA A 132 4.37 7.65 -15.20
N ARG A 133 4.75 8.84 -14.72
N ARG A 133 4.74 8.83 -14.71
CA ARG A 133 5.92 8.97 -13.87
CA ARG A 133 5.93 8.96 -13.88
C ARG A 133 5.50 9.67 -12.58
C ARG A 133 5.60 9.82 -12.66
N TYR A 134 6.38 9.60 -11.60
CA TYR A 134 6.27 10.41 -10.39
C TYR A 134 6.18 11.87 -10.79
N PRO A 135 5.31 12.67 -10.16
CA PRO A 135 4.39 12.37 -9.06
C PRO A 135 2.94 12.18 -9.51
N GLN A 136 2.71 11.67 -10.71
CA GLN A 136 1.36 11.57 -11.25
C GLN A 136 0.41 10.80 -10.35
N ALA A 137 0.81 9.60 -9.92
CA ALA A 137 -0.06 8.77 -9.09
C ALA A 137 -0.43 9.46 -7.78
N ILE A 138 0.53 10.19 -7.20
CA ILE A 138 0.24 11.00 -6.00
C ILE A 138 -0.81 12.08 -6.33
N GLU A 139 -0.59 12.80 -7.42
CA GLU A 139 -1.54 13.85 -7.82
C GLU A 139 -2.93 13.28 -8.11
N GLU A 140 -2.99 12.10 -8.70
CA GLU A 140 -4.27 11.44 -8.96
C GLU A 140 -4.98 11.09 -7.64
N THR A 141 -4.21 10.57 -6.70
CA THR A 141 -4.73 10.19 -5.39
C THR A 141 -5.31 11.41 -4.70
N VAL A 142 -4.57 12.50 -4.71
CA VAL A 142 -5.03 13.76 -4.09
C VAL A 142 -6.29 14.26 -4.78
N ALA A 143 -6.34 14.17 -6.10
CA ALA A 143 -7.52 14.57 -6.83
C ALA A 143 -8.74 13.72 -6.45
N VAL A 144 -8.54 12.43 -6.27
CA VAL A 144 -9.61 11.53 -5.86
C VAL A 144 -10.12 11.88 -4.46
N CYS A 145 -9.20 12.11 -3.53
CA CYS A 145 -9.59 12.46 -2.17
C CYS A 145 -10.37 13.77 -2.17
N SER A 146 -9.93 14.73 -2.97
CA SER A 146 -10.62 16.01 -3.05
C SER A 146 -12.02 15.85 -3.65
N TYR A 147 -12.12 15.05 -4.71
CA TYR A 147 -13.39 14.80 -5.36
C TYR A 147 -14.39 14.18 -4.38
N PHE A 148 -13.99 13.11 -3.68
CA PHE A 148 -14.92 12.48 -2.76
C PHE A 148 -15.26 13.36 -1.57
N SER A 149 -14.34 14.21 -1.14
CA SER A 149 -14.66 15.17 -0.09
C SER A 149 -15.77 16.13 -0.52
N GLN A 150 -15.76 16.53 -1.78
N GLN A 150 -15.77 16.52 -1.78
CA GLN A 150 -16.76 17.45 -2.32
CA GLN A 150 -16.76 17.45 -2.33
C GLN A 150 -18.08 16.76 -2.64
C GLN A 150 -18.03 16.78 -2.82
N HIS A 151 -18.04 15.45 -2.89
CA HIS A 151 -19.23 14.71 -3.33
C HIS A 151 -19.64 13.61 -2.36
N ALA A 152 -19.38 13.83 -1.08
CA ALA A 152 -19.58 12.79 -0.09
C ALA A 152 -21.01 12.30 0.02
N ASP A 153 -21.96 13.22 0.01
CA ASP A 153 -23.35 12.80 0.18
C ASP A 153 -23.85 11.95 -0.98
N GLU A 154 -23.50 12.37 -2.19
CA GLU A 154 -23.81 11.67 -3.43
C GLU A 154 -23.37 10.20 -3.35
N TYR A 155 -22.18 9.96 -2.79
CA TYR A 155 -21.64 8.61 -2.69
C TYR A 155 -21.83 7.93 -1.33
N SER A 156 -22.60 8.57 -0.44
CA SER A 156 -22.89 8.02 0.88
C SER A 156 -21.65 7.78 1.71
N LEU A 157 -20.73 8.72 1.66
CA LEU A 157 -19.47 8.59 2.38
C LEU A 157 -19.40 9.50 3.61
N ASN A 158 -18.59 9.07 4.57
CA ASN A 158 -18.18 9.95 5.64
C ASN A 158 -16.74 10.30 5.35
N VAL A 159 -16.54 11.57 5.01
N VAL A 159 -16.49 11.55 5.01
CA VAL A 159 -15.23 12.10 4.64
CA VAL A 159 -15.12 11.96 4.72
C VAL A 159 -14.67 13.04 5.70
C VAL A 159 -14.65 13.02 5.72
N GLU A 160 -15.29 13.08 6.88
CA GLU A 160 -14.82 13.94 7.94
C GLU A 160 -13.52 13.35 8.47
N LYS A 161 -13.45 12.01 8.48
CA LYS A 161 -12.28 11.24 8.90
C LYS A 161 -11.89 10.34 7.76
N ILE A 162 -10.64 10.42 7.35
CA ILE A 162 -10.12 9.59 6.27
C ILE A 162 -8.78 8.96 6.65
N GLY A 163 -8.41 7.90 5.93
CA GLY A 163 -7.10 7.31 6.09
C GLY A 163 -6.56 6.86 4.75
N PHE A 164 -5.29 6.48 4.75
CA PHE A 164 -4.63 5.92 3.59
C PHE A 164 -4.04 4.60 3.99
N ALA A 165 -4.02 3.68 3.04
CA ALA A 165 -3.48 2.35 3.27
C ALA A 165 -2.83 1.84 2.00
N GLY A 166 -1.77 1.04 2.13
CA GLY A 166 -1.14 0.49 0.96
C GLY A 166 -0.07 -0.54 1.30
N ASP A 167 0.27 -1.35 0.31
CA ASP A 167 1.28 -2.39 0.44
C ASP A 167 2.42 -2.10 -0.53
N SEP A 168 3.65 -2.23 -0.05
CA SEP A 168 4.85 -2.09 -0.93
CB SEP A 168 4.92 -3.27 -1.92
OG SEP A 168 6.19 -3.25 -2.53
C SEP A 168 4.89 -0.71 -1.62
O SEP A 168 4.90 0.32 -0.93
P SEP A 168 6.19 -3.59 -4.12
O1P SEP A 168 5.94 -5.16 -4.23
O2P SEP A 168 5.10 -2.81 -4.88
O3P SEP A 168 7.68 -3.25 -4.66
N ALA A 169 4.90 -0.66 -2.95
CA ALA A 169 4.84 0.64 -3.65
C ALA A 169 3.60 1.42 -3.24
N GLY A 170 2.52 0.70 -2.94
CA GLY A 170 1.29 1.35 -2.48
C GLY A 170 1.45 2.05 -1.13
N ALA A 171 2.30 1.48 -0.26
CA ALA A 171 2.60 2.10 1.04
C ALA A 171 3.37 3.40 0.81
N MSE A 172 4.29 3.38 -0.16
N MSE A 172 4.34 3.39 -0.09
CA MSE A 172 4.99 4.61 -0.61
CA MSE A 172 5.03 4.63 -0.41
C MSE A 172 3.96 5.65 -1.03
C MSE A 172 4.02 5.65 -0.90
O MSE A 172 3.98 6.81 -0.55
O MSE A 172 4.05 6.83 -0.49
CB MSE A 172 5.91 4.31 -1.81
CB MSE A 172 6.09 4.40 -1.48
CG MSE A 172 6.31 5.56 -2.60
CG MSE A 172 6.71 5.67 -1.93
SE MSE A 172 7.62 6.72 -1.73
SE MSE A 172 8.06 5.47 -3.28
CE MSE A 172 9.28 5.80 -2.18
CE MSE A 172 9.68 5.37 -2.21
N LEU A 173 3.03 5.26 -1.89
N LEU A 173 3.11 5.22 -1.76
CA LEU A 173 2.02 6.21 -2.39
CA LEU A 173 2.11 6.12 -2.34
C LEU A 173 1.11 6.70 -1.27
C LEU A 173 1.16 6.67 -1.27
N ALA A 174 0.75 5.82 -0.34
CA ALA A 174 -0.11 6.23 0.75
C ALA A 174 0.52 7.33 1.60
N LEU A 175 1.75 7.10 2.06
CA LEU A 175 2.41 8.08 2.91
C LEU A 175 2.73 9.33 2.09
N ALA A 176 3.22 9.14 0.87
CA ALA A 176 3.55 10.29 0.05
C ALA A 176 2.34 11.18 -0.19
N SER A 177 1.19 10.56 -0.42
CA SER A 177 -0.04 11.31 -0.67
C SER A 177 -0.48 12.08 0.56
N ALA A 178 -0.41 11.47 1.73
CA ALA A 178 -0.73 12.17 2.95
C ALA A 178 0.23 13.34 3.18
N LEU A 179 1.51 13.16 2.89
CA LEU A 179 2.47 14.26 3.06
C LEU A 179 2.21 15.35 2.02
N TRP A 180 1.78 14.97 0.83
CA TRP A 180 1.44 15.94 -0.22
C TRP A 180 0.26 16.79 0.24
N LEU A 181 -0.77 16.16 0.81
CA LEU A 181 -1.93 16.92 1.31
C LEU A 181 -1.46 17.95 2.34
N ARG A 182 -0.58 17.51 3.24
CA ARG A 182 -0.05 18.40 4.26
C ARG A 182 0.75 19.54 3.66
N ASP A 183 1.68 19.18 2.79
CA ASP A 183 2.66 20.14 2.27
C ASP A 183 2.07 21.15 1.29
N LYS A 184 1.06 20.73 0.54
CA LYS A 184 0.39 21.60 -0.44
C LYS A 184 -0.89 22.21 0.15
N HIS A 185 -1.18 21.91 1.41
CA HIS A 185 -2.31 22.52 2.14
C HIS A 185 -3.66 22.23 1.52
N ILE A 186 -3.84 20.97 1.16
CA ILE A 186 -5.08 20.50 0.55
C ILE A 186 -5.93 19.81 1.62
N ARG A 187 -7.15 20.30 1.81
N ARG A 187 -7.14 20.29 1.83
CA ARG A 187 -8.05 19.77 2.83
CA ARG A 187 -8.01 19.73 2.86
C ARG A 187 -9.03 18.76 2.24
C ARG A 187 -9.04 18.77 2.28
N CYS A 188 -8.92 17.51 2.69
CA CYS A 188 -9.73 16.38 2.18
C CYS A 188 -10.43 15.60 3.29
N GLY A 189 -10.32 16.09 4.52
CA GLY A 189 -10.81 15.37 5.71
C GLY A 189 -9.65 15.19 6.69
N ASN A 190 -9.96 14.88 7.95
N ASN A 190 -9.98 14.85 7.93
CA ASN A 190 -8.91 14.67 8.92
CA ASN A 190 -9.00 14.61 8.97
C ASN A 190 -8.31 13.29 8.68
C ASN A 190 -8.31 13.26 8.72
N VAL A 191 -7.01 13.27 8.41
CA VAL A 191 -6.29 12.03 8.15
C VAL A 191 -5.99 11.37 9.52
N ILE A 192 -6.78 10.37 9.88
CA ILE A 192 -6.67 9.78 11.21
C ILE A 192 -5.64 8.66 11.31
N ALA A 193 -5.25 8.05 10.19
CA ALA A 193 -4.32 6.93 10.20
C ALA A 193 -3.83 6.62 8.81
N ILE A 194 -2.61 6.09 8.75
CA ILE A 194 -1.96 5.66 7.53
C ILE A 194 -1.46 4.25 7.81
N LEU A 195 -1.93 3.28 7.01
CA LEU A 195 -1.62 1.86 7.22
C LEU A 195 -0.62 1.45 6.15
N LEU A 196 0.56 1.02 6.59
CA LEU A 196 1.70 0.82 5.68
C LEU A 196 2.34 -0.57 5.82
N TRP A 197 2.04 -1.45 4.87
CA TRP A 197 2.59 -2.80 4.92
C TRP A 197 3.78 -2.89 3.97
N TYR A 198 4.93 -3.20 4.57
CA TYR A 198 6.21 -3.42 3.89
C TYR A 198 6.48 -2.46 2.76
N GLY A 199 6.44 -1.18 3.11
CA GLY A 199 6.68 -0.15 2.14
C GLY A 199 8.16 0.12 1.88
N LEU A 200 8.42 0.94 0.85
CA LEU A 200 9.74 1.54 0.66
C LEU A 200 9.51 3.05 0.70
N TYR A 201 10.48 3.79 1.23
CA TYR A 201 10.28 5.23 1.48
C TYR A 201 11.46 6.10 1.07
N GLY A 202 12.35 5.55 0.27
CA GLY A 202 13.42 6.35 -0.27
C GLY A 202 14.85 5.97 0.02
N LEU A 203 15.09 4.92 0.80
CA LEU A 203 16.47 4.50 1.04
C LEU A 203 17.06 4.00 -0.25
N GLN A 204 18.33 4.28 -0.51
N GLN A 204 18.34 4.29 -0.44
CA GLN A 204 18.93 3.79 -1.73
CA GLN A 204 19.06 3.96 -1.66
C GLN A 204 19.74 2.53 -1.50
C GLN A 204 19.94 2.71 -1.49
N ASP A 205 20.04 2.25 -0.24
CA ASP A 205 20.88 1.11 0.14
C ASP A 205 20.61 0.95 1.64
N SER A 206 20.94 -0.20 2.20
CA SER A 206 20.73 -0.48 3.62
C SER A 206 21.27 -1.85 3.95
N VAL A 207 21.38 -2.15 5.25
CA VAL A 207 21.77 -3.46 5.70
C VAL A 207 20.83 -4.51 5.12
N SER A 208 19.51 -4.32 5.25
CA SER A 208 18.57 -5.33 4.77
C SER A 208 18.57 -5.46 3.24
N ARG A 209 18.78 -4.37 2.52
CA ARG A 209 18.87 -4.46 1.07
C ARG A 209 20.05 -5.33 0.63
N ARG A 210 21.13 -5.30 1.40
CA ARG A 210 22.32 -6.09 1.09
C ARG A 210 22.20 -7.55 1.56
N LEU A 211 21.46 -7.80 2.62
CA LEU A 211 21.29 -9.17 3.12
C LEU A 211 20.22 -9.98 2.41
N PHE A 212 19.15 -9.33 1.99
CA PHE A 212 17.98 -10.01 1.47
C PHE A 212 17.61 -9.65 0.03
N GLY A 213 16.62 -10.37 -0.49
CA GLY A 213 16.09 -10.16 -1.84
C GLY A 213 16.72 -11.14 -2.80
N GLY A 214 15.89 -11.83 -3.58
CA GLY A 214 16.39 -12.82 -4.53
C GLY A 214 15.31 -13.26 -5.50
N ALA A 215 15.54 -14.41 -6.15
CA ALA A 215 14.59 -14.95 -7.11
C ALA A 215 13.26 -15.30 -6.44
N TRP A 216 13.32 -15.71 -5.18
CA TRP A 216 12.13 -16.11 -4.43
C TRP A 216 11.12 -14.98 -4.18
N ASP A 217 11.58 -13.73 -4.17
CA ASP A 217 10.67 -12.59 -3.95
C ASP A 217 10.73 -11.51 -5.04
N GLY A 218 11.64 -11.67 -6.00
CA GLY A 218 11.78 -10.70 -7.10
C GLY A 218 12.24 -9.33 -6.63
N LEU A 219 13.02 -9.31 -5.55
CA LEU A 219 13.51 -8.04 -5.00
C LEU A 219 15.02 -7.94 -4.92
N THR A 220 15.71 -8.35 -5.97
CA THR A 220 17.15 -8.19 -6.01
C THR A 220 17.41 -6.68 -6.16
N ARG A 221 18.65 -6.27 -5.96
CA ARG A 221 19.02 -4.86 -6.13
C ARG A 221 18.66 -4.42 -7.55
N GLU A 222 18.92 -5.29 -8.50
N GLU A 222 18.93 -5.29 -8.52
CA GLU A 222 18.65 -5.02 -9.91
CA GLU A 222 18.63 -4.99 -9.92
C GLU A 222 17.15 -4.77 -10.14
C GLU A 222 17.14 -4.72 -10.09
N ASP A 223 16.31 -5.58 -9.50
CA ASP A 223 14.84 -5.44 -9.61
C ASP A 223 14.39 -4.11 -9.02
N LEU A 224 14.87 -3.81 -7.81
CA LEU A 224 14.52 -2.55 -7.16
C LEU A 224 14.95 -1.36 -8.03
N ASP A 225 16.14 -1.43 -8.62
N ASP A 225 16.13 -1.44 -8.63
CA ASP A 225 16.63 -0.38 -9.51
CA ASP A 225 16.61 -0.37 -9.50
C ASP A 225 15.70 -0.19 -10.71
C ASP A 225 15.71 -0.19 -10.72
N MSE A 226 15.23 -1.29 -11.27
CA MSE A 226 14.36 -1.23 -12.45
C MSE A 226 13.03 -0.56 -12.16
O MSE A 226 12.52 0.24 -12.95
CB MSE A 226 14.16 -2.66 -13.01
CG MSE A 226 13.26 -2.74 -14.25
SE MSE A 226 11.34 -2.85 -13.84
CE MSE A 226 11.33 -4.55 -12.85
N TYR A 227 12.45 -0.88 -11.00
CA TYR A 227 11.19 -0.28 -10.63
C TYR A 227 11.37 1.22 -10.47
N GLU A 228 12.47 1.62 -9.84
CA GLU A 228 12.72 3.06 -9.65
C GLU A 228 12.89 3.78 -10.97
N LYS A 229 13.68 3.22 -11.90
N LYS A 229 13.68 3.20 -11.87
CA LYS A 229 13.91 3.86 -13.20
CA LYS A 229 13.92 3.76 -13.19
C LYS A 229 12.64 3.91 -14.07
C LYS A 229 12.60 3.99 -13.92
N ALA A 230 11.68 3.05 -13.78
CA ALA A 230 10.38 3.12 -14.47
C ALA A 230 9.50 4.23 -13.91
N TYR A 231 9.60 4.46 -12.60
CA TYR A 231 8.76 5.40 -11.90
C TYR A 231 9.20 6.86 -11.98
N LEU A 232 10.49 7.11 -11.81
CA LEU A 232 10.97 8.50 -11.77
C LEU A 232 11.05 9.15 -13.16
N ARG A 233 10.83 10.45 -13.21
CA ARG A 233 10.94 11.23 -14.45
C ARG A 233 12.39 11.28 -14.89
N ASN A 234 13.29 11.41 -13.93
N ASN A 234 13.28 11.47 -13.92
CA ASN A 234 14.72 11.44 -14.15
CA ASN A 234 14.72 11.61 -14.10
C ASN A 234 15.43 11.20 -12.82
C ASN A 234 15.43 11.15 -12.83
N ASP A 235 16.76 11.09 -12.85
CA ASP A 235 17.53 10.73 -11.65
C ASP A 235 17.45 11.76 -10.52
N GLU A 236 17.18 13.02 -10.85
CA GLU A 236 17.07 14.07 -9.84
C GLU A 236 15.93 13.78 -8.88
N ASP A 237 14.87 13.15 -9.38
CA ASP A 237 13.73 12.83 -8.54
C ASP A 237 14.04 11.92 -7.38
N ARG A 238 15.19 11.23 -7.39
N ARG A 238 15.20 11.26 -7.41
CA ARG A 238 15.52 10.37 -6.25
CA ARG A 238 15.60 10.39 -6.31
C ARG A 238 15.57 11.14 -4.95
C ARG A 238 15.62 11.14 -4.97
N GLU A 239 15.83 12.45 -5.02
CA GLU A 239 15.92 13.27 -3.81
C GLU A 239 14.64 14.07 -3.48
N SER A 240 13.64 13.94 -4.33
CA SER A 240 12.40 14.71 -4.15
C SER A 240 11.70 14.25 -2.88
N PRO A 241 11.13 15.20 -2.12
CA PRO A 241 10.58 14.81 -0.80
C PRO A 241 9.26 14.03 -0.79
N TRP A 242 8.68 13.80 -1.95
CA TRP A 242 7.52 12.92 -2.05
C TRP A 242 7.89 11.58 -2.69
N TYR A 243 9.20 11.36 -2.89
CA TYR A 243 9.76 10.06 -3.29
C TYR A 243 10.70 9.59 -2.17
N CYS A 244 11.78 10.34 -1.92
CA CYS A 244 12.61 10.09 -0.76
C CYS A 244 11.93 10.82 0.40
N LEU A 245 11.04 10.12 1.08
CA LEU A 245 10.24 10.72 2.13
C LEU A 245 11.12 11.13 3.30
N PHE A 246 12.29 10.51 3.44
CA PHE A 246 13.25 10.89 4.47
C PHE A 246 13.85 12.27 4.22
N ASN A 247 13.68 12.80 3.01
CA ASN A 247 14.10 14.17 2.70
C ASN A 247 13.00 15.20 3.00
N ASN A 248 11.78 14.73 3.32
CA ASN A 248 10.69 15.60 3.71
C ASN A 248 10.82 15.87 5.19
N ASP A 249 9.94 16.72 5.72
CA ASP A 249 9.90 17.02 7.15
C ASP A 249 9.03 15.97 7.83
N LEU A 250 9.66 15.07 8.58
CA LEU A 250 8.96 14.03 9.32
C LEU A 250 8.97 14.34 10.81
N THR A 251 9.17 15.60 11.17
CA THR A 251 9.29 16.04 12.56
C THR A 251 8.01 16.58 13.17
N ARG A 252 7.00 16.79 12.34
N ARG A 252 7.00 16.81 12.34
CA ARG A 252 5.74 17.35 12.79
CA ARG A 252 5.74 17.39 12.81
C ARG A 252 4.59 17.02 11.85
C ARG A 252 4.58 17.20 11.83
N ASP A 253 3.38 17.05 12.40
CA ASP A 253 2.18 16.92 11.62
C ASP A 253 2.14 15.73 10.68
N VAL A 254 2.71 14.61 11.12
CA VAL A 254 2.61 13.38 10.36
C VAL A 254 1.45 12.59 10.95
N PRO A 255 0.45 12.22 10.14
CA PRO A 255 -0.65 11.47 10.73
C PRO A 255 -0.18 10.14 11.33
N PRO A 256 -0.93 9.59 12.28
CA PRO A 256 -0.52 8.33 12.89
C PRO A 256 -0.25 7.24 11.86
N CYS A 257 0.90 6.60 11.97
CA CYS A 257 1.29 5.55 11.05
C CYS A 257 1.38 4.17 11.67
N PHE A 258 0.72 3.20 11.04
CA PHE A 258 0.86 1.78 11.40
C PHE A 258 1.87 1.24 10.43
N ILE A 259 3.04 0.85 10.93
CA ILE A 259 4.16 0.47 10.07
C ILE A 259 4.44 -1.00 10.28
N ALA A 260 4.06 -1.80 9.29
CA ALA A 260 4.22 -3.23 9.30
C ALA A 260 5.34 -3.62 8.38
N SER A 261 6.20 -4.52 8.86
CA SER A 261 7.28 -5.02 8.02
C SER A 261 7.28 -6.55 7.94
N ALA A 262 7.97 -7.06 6.92
CA ALA A 262 8.21 -8.47 6.73
C ALA A 262 9.67 -8.77 7.11
N GLU A 263 9.88 -9.80 7.90
CA GLU A 263 11.20 -10.07 8.45
C GLU A 263 12.30 -10.21 7.41
N PHE A 264 12.06 -11.00 6.37
CA PHE A 264 13.10 -11.32 5.39
C PHE A 264 12.93 -10.57 4.09
N ASP A 265 12.58 -9.31 4.23
CA ASP A 265 12.34 -8.41 3.12
C ASP A 265 13.49 -7.40 3.03
N PRO A 266 14.12 -7.25 1.84
CA PRO A 266 15.14 -6.19 1.76
C PRO A 266 14.63 -4.80 2.14
N LEU A 267 13.33 -4.57 2.04
CA LEU A 267 12.76 -3.27 2.38
C LEU A 267 12.54 -3.06 3.87
N ILE A 268 12.83 -4.04 4.72
CA ILE A 268 12.53 -3.85 6.16
C ILE A 268 13.21 -2.61 6.72
N ASP A 269 14.45 -2.35 6.36
CA ASP A 269 15.14 -1.17 6.89
C ASP A 269 14.42 0.16 6.57
N ASP A 270 13.72 0.25 5.44
CA ASP A 270 12.94 1.43 5.13
C ASP A 270 11.87 1.65 6.21
N SER A 271 11.22 0.56 6.65
CA SER A 271 10.21 0.63 7.71
C SER A 271 10.84 0.97 9.06
N ARG A 272 11.97 0.36 9.36
N ARG A 272 11.98 0.36 9.34
CA ARG A 272 12.67 0.65 10.62
CA ARG A 272 12.68 0.63 10.60
C ARG A 272 13.08 2.12 10.68
C ARG A 272 13.11 2.10 10.68
N LEU A 273 13.62 2.64 9.59
CA LEU A 273 14.03 4.04 9.59
C LEU A 273 12.82 4.96 9.76
N LEU A 274 11.74 4.68 9.07
CA LEU A 274 10.52 5.50 9.21
C LEU A 274 10.07 5.49 10.68
N HIS A 275 9.99 4.30 11.27
CA HIS A 275 9.62 4.15 12.66
C HIS A 275 10.51 4.98 13.58
N GLN A 276 11.81 4.80 13.45
CA GLN A 276 12.76 5.46 14.32
C GLN A 276 12.77 6.96 14.13
N THR A 277 12.54 7.41 12.89
CA THR A 277 12.48 8.84 12.63
C THR A 277 11.26 9.49 13.29
N LEU A 278 10.11 8.88 13.12
CA LEU A 278 8.88 9.39 13.72
C LEU A 278 9.01 9.36 15.25
N GLN A 279 9.57 8.29 15.78
CA GLN A 279 9.74 8.20 17.24
C GLN A 279 10.62 9.31 17.77
N ALA A 280 11.67 9.64 17.02
CA ALA A 280 12.62 10.67 17.44
C ALA A 280 11.95 12.04 17.60
N HIS A 281 10.79 12.22 16.95
CA HIS A 281 10.05 13.47 16.95
C HIS A 281 8.66 13.36 17.56
N GLN A 282 8.47 12.31 18.34
CA GLN A 282 7.22 12.05 19.04
C GLN A 282 6.01 12.07 18.11
N GLN A 283 6.23 11.61 16.89
CA GLN A 283 5.15 11.51 15.94
C GLN A 283 4.48 10.16 16.13
N PRO A 284 3.14 10.13 16.06
CA PRO A 284 2.41 8.92 16.41
C PRO A 284 2.62 7.76 15.46
N CYS A 285 2.95 6.59 16.02
CA CYS A 285 3.12 5.41 15.18
C CYS A 285 3.21 4.14 16.00
N GLU A 286 2.99 3.04 15.29
N GLU A 286 2.97 3.04 15.31
CA GLU A 286 3.10 1.69 15.84
CA GLU A 286 3.11 1.69 15.87
C GLU A 286 3.94 0.98 14.82
C GLU A 286 3.81 0.82 14.83
N TYR A 287 4.87 0.15 15.28
CA TYR A 287 5.69 -0.68 14.41
C TYR A 287 5.51 -2.14 14.77
N LYS A 288 5.39 -2.98 13.75
CA LYS A 288 5.31 -4.40 13.96
C LYS A 288 5.95 -5.17 12.82
N MSE A 289 6.90 -6.03 13.20
N MSE A 289 6.88 -6.05 13.19
CA MSE A 289 7.54 -6.94 12.26
CA MSE A 289 7.55 -6.92 12.23
C MSE A 289 6.82 -8.26 12.37
C MSE A 289 6.97 -8.33 12.35
O MSE A 289 6.58 -8.76 13.49
O MSE A 289 7.00 -8.95 13.42
CB MSE A 289 9.01 -7.13 12.59
CB MSE A 289 9.07 -6.91 12.46
CG MSE A 289 9.76 -7.99 11.58
CG MSE A 289 9.83 -7.86 11.56
SE MSE A 289 11.61 -8.39 12.08
SE MSE A 289 9.99 -9.64 12.30
CE MSE A 289 11.25 -9.82 13.33
CE MSE A 289 11.19 -9.24 13.79
N TYR A 290 6.43 -8.81 11.23
CA TYR A 290 5.78 -10.11 11.17
C TYR A 290 6.85 -11.19 10.94
N PRO A 291 7.11 -12.04 11.95
CA PRO A 291 8.23 -12.98 11.80
C PRO A 291 8.01 -14.04 10.75
N GLY A 292 9.12 -14.43 10.12
CA GLY A 292 9.13 -15.56 9.21
C GLY A 292 8.49 -15.32 7.86
N THR A 293 8.29 -14.05 7.53
CA THR A 293 7.63 -13.67 6.30
C THR A 293 8.56 -13.06 5.25
N LEU A 294 8.13 -13.19 4.01
CA LEU A 294 8.73 -12.50 2.88
C LEU A 294 7.89 -11.26 2.52
N HIS A 295 8.49 -10.39 1.72
CA HIS A 295 7.76 -9.30 1.13
C HIS A 295 6.49 -9.84 0.46
N ALA A 296 5.45 -9.00 0.40
CA ALA A 296 4.21 -9.27 -0.33
C ALA A 296 3.27 -10.25 0.32
N PHE A 297 3.51 -10.56 1.58
CA PHE A 297 2.72 -11.60 2.22
C PHE A 297 1.24 -11.31 2.47
N LEU A 298 0.85 -10.04 2.37
N LEU A 298 0.82 -10.04 2.42
CA LEU A 298 -0.51 -9.63 2.63
CA LEU A 298 -0.60 -9.71 2.65
C LEU A 298 -1.51 -10.25 1.66
C LEU A 298 -1.52 -10.42 1.71
N HIS A 299 -1.03 -10.68 0.50
CA HIS A 299 -1.87 -11.34 -0.49
C HIS A 299 -2.25 -12.76 -0.16
N TYR A 300 -1.55 -13.38 0.79
CA TYR A 300 -1.71 -14.81 1.00
C TYR A 300 -2.66 -15.21 2.12
N SER A 301 -3.64 -14.38 2.46
CA SER A 301 -4.54 -14.73 3.57
C SER A 301 -5.29 -16.05 3.41
N ARG A 302 -5.48 -16.52 2.18
N ARG A 302 -5.51 -16.50 2.17
CA ARG A 302 -6.17 -17.81 1.99
CA ARG A 302 -6.21 -17.76 1.98
C ARG A 302 -5.36 -18.99 2.52
C ARG A 302 -5.43 -18.93 2.58
N MSE A 303 -4.04 -18.82 2.62
N MSE A 303 -4.10 -18.78 2.65
CA MSE A 303 -3.14 -19.87 3.09
CA MSE A 303 -3.22 -19.85 3.09
C MSE A 303 -2.39 -19.51 4.37
C MSE A 303 -2.28 -19.46 4.25
O MSE A 303 -1.88 -20.42 5.05
O MSE A 303 -1.44 -20.27 4.66
CB MSE A 303 -2.10 -20.23 2.01
CB MSE A 303 -2.38 -20.32 1.90
CG MSE A 303 -2.68 -21.00 0.82
CG MSE A 303 -1.62 -21.60 2.11
SE MSE A 303 -1.41 -21.49 -0.61
SE MSE A 303 -0.60 -22.08 0.51
CE MSE A 303 -0.27 -22.73 0.41
CE MSE A 303 -2.10 -22.16 -0.77
N MSE A 304 -2.37 -18.22 4.72
CA MSE A 304 -1.55 -17.75 5.85
C MSE A 304 -2.33 -16.94 6.85
O MSE A 304 -2.80 -15.83 6.56
CB MSE A 304 -0.39 -16.87 5.36
CG MSE A 304 0.54 -17.53 4.39
SE MSE A 304 2.10 -16.42 4.00
CE MSE A 304 2.92 -16.33 5.77
N THR A 305 -2.47 -17.48 8.06
N THR A 305 -2.44 -17.50 8.06
CA THR A 305 -3.18 -16.75 9.09
CA THR A 305 -3.10 -16.83 9.15
C THR A 305 -2.48 -15.45 9.43
C THR A 305 -2.48 -15.47 9.41
N ILE A 306 -1.14 -15.40 9.33
CA ILE A 306 -0.41 -14.16 9.64
C ILE A 306 -0.74 -13.02 8.67
N ALA A 307 -1.07 -13.35 7.41
CA ALA A 307 -1.49 -12.33 6.48
C ALA A 307 -2.83 -11.73 6.95
N ASP A 308 -3.74 -12.59 7.39
CA ASP A 308 -5.01 -12.08 7.89
C ASP A 308 -4.78 -11.27 9.17
N ASP A 309 -3.87 -11.73 10.01
CA ASP A 309 -3.54 -11.04 11.26
C ASP A 309 -3.01 -9.63 10.97
N ALA A 310 -2.17 -9.50 9.94
CA ALA A 310 -1.59 -8.20 9.60
C ALA A 310 -2.68 -7.25 9.11
N LEU A 311 -3.65 -7.76 8.36
CA LEU A 311 -4.77 -6.93 7.91
C LEU A 311 -5.60 -6.50 9.12
N GLN A 312 -5.90 -7.44 10.02
N GLN A 312 -5.90 -7.43 10.02
CA GLN A 312 -6.66 -7.13 11.23
CA GLN A 312 -6.69 -7.08 11.22
C GLN A 312 -5.96 -6.12 12.12
C GLN A 312 -5.96 -6.12 12.15
N ASP A 313 -4.64 -6.26 12.25
CA ASP A 313 -3.86 -5.36 13.10
C ASP A 313 -3.96 -3.95 12.54
N GLY A 314 -3.82 -3.81 11.21
CA GLY A 314 -3.95 -2.49 10.63
C GLY A 314 -5.35 -1.92 10.79
N ALA A 315 -6.36 -2.76 10.59
CA ALA A 315 -7.75 -2.35 10.77
C ALA A 315 -7.99 -1.87 12.21
N ARG A 316 -7.47 -2.61 13.19
N ARG A 316 -7.47 -2.62 13.17
CA ARG A 316 -7.64 -2.21 14.59
CA ARG A 316 -7.63 -2.24 14.57
C ARG A 316 -6.99 -0.88 14.85
C ARG A 316 -6.96 -0.91 14.89
N PHE A 317 -5.83 -0.63 14.25
CA PHE A 317 -5.13 0.65 14.42
C PHE A 317 -6.03 1.77 13.88
N PHE A 318 -6.58 1.58 12.68
CA PHE A 318 -7.48 2.58 12.09
C PHE A 318 -8.69 2.83 12.98
N MSE A 319 -9.33 1.76 13.44
N MSE A 319 -9.32 1.77 13.44
CA MSE A 319 -10.52 1.91 14.26
CA MSE A 319 -10.53 1.89 14.26
C MSE A 319 -10.23 2.62 15.57
C MSE A 319 -10.25 2.60 15.59
O MSE A 319 -11.04 3.42 16.04
O MSE A 319 -11.09 3.34 16.08
CB MSE A 319 -11.15 0.56 14.52
CB MSE A 319 -11.12 0.51 14.48
CG MSE A 319 -12.00 0.03 13.39
CG MSE A 319 -11.40 -0.23 13.18
SE MSE A 319 -12.97 -1.58 13.91
SE MSE A 319 -11.66 -2.16 13.37
CE MSE A 319 -13.20 -1.16 15.78
CE MSE A 319 -13.52 -2.15 14.02
N ALA A 320 -9.07 2.37 16.16
CA ALA A 320 -8.71 3.01 17.42
C ALA A 320 -8.54 4.51 17.24
N ARG A 321 -8.26 4.95 16.01
N ARG A 321 -8.01 4.90 16.08
CA ARG A 321 -8.12 6.38 15.71
CA ARG A 321 -7.73 6.31 15.76
C ARG A 321 -9.44 7.03 15.26
C ARG A 321 -9.03 7.03 15.44
N MSE A 322 -10.45 6.21 14.99
N MSE A 322 -10.06 6.28 15.06
CA MSE A 322 -11.74 6.77 14.66
CA MSE A 322 -11.35 6.85 14.68
C MSE A 322 -12.26 7.34 15.97
C MSE A 322 -12.11 7.36 15.92
O MSE A 322 -13.09 8.23 15.97
O MSE A 322 -12.98 8.22 15.82
CB MSE A 322 -12.70 5.72 14.16
CB MSE A 322 -12.17 5.81 13.92
CG MSE A 322 -12.27 5.01 12.92
CG MSE A 322 -13.21 6.38 12.99
SE MSE A 322 -13.55 3.65 12.36
SE MSE A 322 -14.24 4.95 12.15
CE MSE A 322 -14.07 2.91 14.08
CE MSE A 322 -12.77 3.77 11.70
N LYS A 323 -11.74 6.81 17.09
CA LYS A 323 -12.24 7.23 18.39
C LYS A 323 -11.29 8.30 18.95
N THR A 324 -10.04 7.92 19.18
CA THR A 324 -9.01 8.80 19.72
C THR A 324 -8.06 9.26 18.62
CL CL B . 12.59 -0.08 14.34
CL CL C . 3.11 1.93 -18.63
#